data_5HT2
#
_entry.id   5HT2
#
_cell.length_a   54.884
_cell.length_b   68.604
_cell.length_c   167.247
_cell.angle_alpha   90.00
_cell.angle_beta   90.00
_cell.angle_gamma   90.00
#
_symmetry.space_group_name_H-M   'P 21 21 21'
#
loop_
_entity.id
_entity.type
_entity.pdbx_description
1 polymer 'Tyrosyl-DNA phosphodiesterase 2'
2 polymer DNA
3 non-polymer 'MAGNESIUM ION'
4 non-polymer '4-(2-HYDROXYETHYL)-1-PIPERAZINE ETHANESULFONIC ACID'
5 non-polymer DI(HYDROXYETHYL)ETHER
6 water water
#
loop_
_entity_poly.entity_id
_entity_poly.type
_entity_poly.pdbx_seq_one_letter_code
_entity_poly.pdbx_strand_id
1 'polypeptide(L)'
;SKGLEDSSTISFITWNIDGLDGCNLPERARGVCSCLALYSPDVVFLQEVIPPYCAYLKKRAASYTIITGNEEGYFTAILL
KKGRVKFKSQEIIPFPNTKMMRNLLCVNVSLGGNEFCLMTSHLESTREHSAERIRQLKTVLGKMQEAPDSTTVIFAGDTN
LRDQEVIKCGGLPDNVFDAWEFLGKPKHCQYTWDTKANNNLRIPAAYKHRFDRIFFRAEEGHLIPQSLDLVGLEKLDCGR
FPSDHWGLLCTLNVVL
;
A,B
2 'polydeoxyribonucleotide' (EDA)(DC)(DG)(DA)(DA)(DT)(DT)(DC)(DG) C,D
#
loop_
_chem_comp.id
_chem_comp.type
_chem_comp.name
_chem_comp.formula
DA DNA linking 2'-DEOXYADENOSINE-5'-MONOPHOSPHATE 'C10 H14 N5 O6 P'
DC DNA linking 2'-DEOXYCYTIDINE-5'-MONOPHOSPHATE 'C9 H14 N3 O7 P'
DG DNA linking 2'-DEOXYGUANOSINE-5'-MONOPHOSPHATE 'C10 H14 N5 O7 P'
DT DNA linking THYMIDINE-5'-MONOPHOSPHATE 'C10 H15 N2 O8 P'
EDA DNA linking 3-[2-DEOXY-RIBOFURANOSYL]-3H-1,3,4,5A,8-PENTAAZA-AS-INDACENE-5'-MONOPHOSPHATE 'C12 H14 N5 O6 P'
EPE non-polymer '4-(2-HYDROXYETHYL)-1-PIPERAZINE ETHANESULFONIC ACID' 'C8 H18 N2 O4 S'
MG non-polymer 'MAGNESIUM ION' 'Mg 2'
PEG non-polymer DI(HYDROXYETHYL)ETHER 'C4 H10 O3'
#
# COMPACT_ATOMS: atom_id res chain seq x y z
N SER A 1 15.36 -36.66 27.56
CA SER A 1 16.07 -37.25 26.43
C SER A 1 15.09 -37.80 25.40
N LYS A 2 15.50 -37.79 24.13
CA LYS A 2 14.66 -38.24 23.03
C LYS A 2 14.81 -39.75 22.86
N GLY A 3 13.79 -40.50 23.26
CA GLY A 3 13.85 -41.96 23.24
C GLY A 3 13.09 -42.57 22.08
N LEU A 4 12.85 -43.88 22.20
CA LEU A 4 12.22 -44.65 21.14
C LEU A 4 10.85 -44.09 20.77
N GLU A 5 10.03 -43.82 21.79
CA GLU A 5 8.65 -43.40 21.56
C GLU A 5 8.56 -42.12 20.70
N ASP A 6 9.49 -41.20 20.88
CA ASP A 6 9.49 -39.92 20.16
C ASP A 6 10.25 -39.94 18.85
N SER A 7 10.61 -41.13 18.38
CA SER A 7 11.46 -41.23 17.20
C SER A 7 10.79 -40.80 15.90
N SER A 8 9.47 -40.65 15.89
CA SER A 8 8.76 -40.26 14.66
CA SER A 8 8.76 -40.26 14.68
C SER A 8 8.53 -38.76 14.63
N THR A 9 9.04 -38.06 15.62
CA THR A 9 8.71 -36.66 15.83
CA THR A 9 8.71 -36.66 15.82
C THR A 9 9.90 -35.77 15.48
N ILE A 10 9.64 -34.68 14.74
CA ILE A 10 10.63 -33.61 14.58
C ILE A 10 10.12 -32.46 15.43
N SER A 11 11.00 -31.88 16.24
CA SER A 11 10.66 -30.68 16.99
C SER A 11 11.59 -29.57 16.57
N PHE A 12 11.06 -28.36 16.52
CA PHE A 12 11.88 -27.22 16.17
C PHE A 12 11.35 -25.94 16.79
N ILE A 13 12.25 -24.96 16.84
CA ILE A 13 11.91 -23.59 17.20
C ILE A 13 12.26 -22.69 16.03
N THR A 14 11.38 -21.75 15.71
CA THR A 14 11.73 -20.64 14.80
C THR A 14 11.63 -19.33 15.57
N TRP A 15 12.60 -18.45 15.39
CA TRP A 15 12.67 -17.26 16.21
C TRP A 15 13.54 -16.20 15.54
N ASN A 16 12.96 -15.03 15.32
CA ASN A 16 13.70 -13.84 14.97
C ASN A 16 14.22 -13.28 16.28
N ILE A 17 15.54 -13.33 16.47
CA ILE A 17 16.14 -13.06 17.77
C ILE A 17 16.71 -11.64 17.88
N ASP A 18 16.41 -10.81 16.88
CA ASP A 18 16.68 -9.38 16.97
C ASP A 18 18.13 -9.05 17.29
N GLY A 19 19.05 -9.62 16.51
CA GLY A 19 20.46 -9.33 16.64
C GLY A 19 20.81 -7.91 16.24
N LEU A 20 19.89 -7.24 15.54
CA LEU A 20 20.09 -5.83 15.18
C LEU A 20 19.95 -4.89 16.37
N ASP A 21 19.38 -5.38 17.46
CA ASP A 21 19.40 -4.63 18.73
C ASP A 21 20.63 -5.05 19.51
N GLY A 22 21.66 -4.21 19.55
CA GLY A 22 22.86 -4.56 20.29
C GLY A 22 22.74 -4.47 21.79
N CYS A 23 21.71 -3.81 22.27
CA CYS A 23 21.62 -3.57 23.70
CA CYS A 23 21.53 -3.58 23.71
C CYS A 23 21.23 -4.85 24.44
N ASN A 24 22.04 -5.18 25.47
CA ASN A 24 21.86 -6.41 26.25
C ASN A 24 21.97 -7.68 25.40
N LEU A 25 22.63 -7.61 24.26
CA LEU A 25 22.57 -8.75 23.35
C LEU A 25 23.13 -10.06 23.94
N PRO A 26 24.28 -10.00 24.65
CA PRO A 26 24.79 -11.27 25.21
C PRO A 26 23.83 -11.94 26.22
N GLU A 27 23.21 -11.14 27.09
CA GLU A 27 22.23 -11.66 28.03
C GLU A 27 21.01 -12.20 27.32
N ARG A 28 20.59 -11.52 26.27
CA ARG A 28 19.44 -11.96 25.49
C ARG A 28 19.74 -13.26 24.75
N ALA A 29 20.96 -13.40 24.21
CA ALA A 29 21.39 -14.66 23.58
C ALA A 29 21.40 -15.80 24.60
N ARG A 30 21.84 -15.53 25.82
CA ARG A 30 21.80 -16.54 26.87
CA ARG A 30 21.80 -16.53 26.88
C ARG A 30 20.35 -16.94 27.15
N GLY A 31 19.44 -15.98 27.09
CA GLY A 31 18.02 -16.29 27.24
C GLY A 31 17.49 -17.22 26.14
N VAL A 32 17.85 -16.93 24.91
CA VAL A 32 17.48 -17.81 23.81
C VAL A 32 18.05 -19.21 24.03
N CYS A 33 19.33 -19.27 24.39
CA CYS A 33 19.98 -20.56 24.59
C CYS A 33 19.38 -21.35 25.75
N SER A 34 18.92 -20.67 26.80
CA SER A 34 18.24 -21.34 27.91
C SER A 34 16.96 -22.02 27.43
N CYS A 35 16.27 -21.36 26.50
CA CYS A 35 15.08 -21.92 25.93
CA CYS A 35 15.07 -21.92 25.90
C CYS A 35 15.42 -23.16 25.09
N LEU A 36 16.48 -23.06 24.29
CA LEU A 36 16.90 -24.20 23.48
C LEU A 36 17.30 -25.38 24.36
N ALA A 37 17.94 -25.09 25.48
CA ALA A 37 18.35 -26.15 26.40
C ALA A 37 17.15 -26.84 27.04
N LEU A 38 16.14 -26.05 27.35
CA LEU A 38 14.94 -26.59 27.99
C LEU A 38 14.18 -27.56 27.09
N TYR A 39 13.98 -27.19 25.83
CA TYR A 39 13.17 -28.00 24.92
C TYR A 39 13.96 -28.96 24.04
N SER A 40 15.25 -28.71 23.90
CA SER A 40 16.13 -29.55 23.10
C SER A 40 15.55 -29.88 21.73
N PRO A 41 15.18 -28.84 20.97
CA PRO A 41 14.64 -29.10 19.62
C PRO A 41 15.67 -29.73 18.70
N ASP A 42 15.20 -30.50 17.73
CA ASP A 42 16.08 -31.09 16.73
C ASP A 42 16.71 -30.02 15.83
N VAL A 43 15.92 -29.01 15.54
CA VAL A 43 16.31 -27.95 14.60
C VAL A 43 15.89 -26.60 15.16
N VAL A 44 16.69 -25.57 14.92
CA VAL A 44 16.32 -24.20 15.24
C VAL A 44 16.50 -23.33 14.01
N PHE A 45 15.46 -22.59 13.66
CA PHE A 45 15.51 -21.64 12.57
C PHE A 45 15.59 -20.24 13.17
N LEU A 46 16.65 -19.49 12.88
CA LEU A 46 16.84 -18.17 13.46
C LEU A 46 16.89 -17.09 12.38
N GLN A 47 16.38 -15.91 12.72
CA GLN A 47 16.54 -14.74 11.88
C GLN A 47 17.15 -13.59 12.67
N GLU A 48 17.76 -12.66 11.93
CA GLU A 48 18.50 -11.51 12.49
C GLU A 48 19.68 -11.92 13.35
N VAL A 49 20.34 -13.00 12.94
CA VAL A 49 21.62 -13.40 13.52
C VAL A 49 22.69 -12.46 12.98
N ILE A 50 23.66 -12.11 13.84
CA ILE A 50 24.83 -11.34 13.44
C ILE A 50 26.07 -12.12 13.89
N PRO A 51 27.25 -11.77 13.34
CA PRO A 51 28.41 -12.61 13.65
C PRO A 51 28.71 -12.80 15.15
N PRO A 52 28.65 -11.74 15.98
CA PRO A 52 28.87 -11.98 17.42
C PRO A 52 27.89 -12.97 18.01
N TYR A 53 26.67 -13.00 17.48
CA TYR A 53 25.63 -13.88 18.01
C TYR A 53 25.99 -15.34 17.72
N CYS A 54 26.67 -15.59 16.60
CA CYS A 54 27.14 -16.93 16.32
C CYS A 54 28.13 -17.42 17.37
N ALA A 55 29.01 -16.54 17.83
CA ALA A 55 29.90 -16.90 18.92
C ALA A 55 29.12 -17.22 20.21
N TYR A 56 28.05 -16.49 20.49
CA TYR A 56 27.25 -16.77 21.69
C TYR A 56 26.60 -18.14 21.58
N LEU A 57 26.12 -18.48 20.39
CA LEU A 57 25.53 -19.79 20.14
C LEU A 57 26.55 -20.92 20.24
N LYS A 58 27.78 -20.68 19.80
CA LYS A 58 28.81 -21.70 19.89
C LYS A 58 29.15 -21.97 21.35
N LYS A 59 29.04 -20.95 22.17
CA LYS A 59 29.33 -21.09 23.60
C LYS A 59 28.19 -21.74 24.37
N ARG A 60 26.96 -21.31 24.11
CA ARG A 60 25.83 -21.66 24.96
C ARG A 60 24.84 -22.62 24.30
N ALA A 61 25.09 -22.95 23.03
CA ALA A 61 24.28 -23.94 22.31
C ALA A 61 25.22 -24.82 21.50
N ALA A 62 26.26 -25.32 22.17
CA ALA A 62 27.35 -26.00 21.49
C ALA A 62 26.95 -27.32 20.84
N SER A 63 25.80 -27.88 21.23
CA SER A 63 25.37 -29.14 20.64
C SER A 63 24.70 -28.98 19.28
N TYR A 64 24.63 -27.74 18.78
CA TYR A 64 24.07 -27.45 17.46
C TYR A 64 25.12 -27.04 16.42
N THR A 65 25.07 -27.68 15.25
CA THR A 65 25.81 -27.23 14.09
C THR A 65 25.09 -26.02 13.50
N ILE A 66 25.84 -24.96 13.20
CA ILE A 66 25.26 -23.72 12.72
C ILE A 66 25.50 -23.57 11.22
N ILE A 67 24.41 -23.40 10.47
CA ILE A 67 24.49 -23.12 9.04
C ILE A 67 23.93 -21.71 8.85
N THR A 68 24.69 -20.81 8.21
CA THR A 68 24.26 -19.41 8.09
C THR A 68 23.89 -18.99 6.67
N GLY A 69 23.05 -17.95 6.59
CA GLY A 69 22.60 -17.41 5.32
C GLY A 69 23.48 -16.33 4.71
N ASN A 70 24.46 -15.86 5.48
CA ASN A 70 25.46 -14.91 5.00
CA ASN A 70 25.43 -14.87 5.03
C ASN A 70 26.57 -14.81 6.03
N GLU A 71 27.61 -14.04 5.72
CA GLU A 71 28.81 -13.97 6.54
CA GLU A 71 28.82 -13.96 6.54
C GLU A 71 28.89 -12.66 7.32
N GLU A 72 28.24 -11.62 6.80
CA GLU A 72 28.31 -10.27 7.36
CA GLU A 72 28.29 -10.31 7.43
C GLU A 72 26.92 -9.66 7.43
N GLY A 73 26.82 -8.54 8.14
CA GLY A 73 25.56 -7.88 8.32
C GLY A 73 24.69 -8.69 9.26
N TYR A 74 23.44 -8.91 8.86
CA TYR A 74 22.54 -9.77 9.60
C TYR A 74 21.95 -10.78 8.65
N PHE A 75 21.58 -11.94 9.19
CA PHE A 75 21.26 -13.07 8.33
C PHE A 75 20.52 -14.15 9.12
N THR A 76 20.02 -15.13 8.39
CA THR A 76 19.36 -16.26 9.02
C THR A 76 20.35 -17.36 9.35
N ALA A 77 19.89 -18.33 10.15
CA ALA A 77 20.68 -19.51 10.43
C ALA A 77 19.74 -20.68 10.66
N ILE A 78 20.24 -21.88 10.35
CA ILE A 78 19.57 -23.12 10.75
C ILE A 78 20.56 -23.89 11.61
N LEU A 79 20.10 -24.29 12.79
CA LEU A 79 20.90 -25.01 13.77
C LEU A 79 20.41 -26.45 13.79
N LEU A 80 21.35 -27.40 13.75
CA LEU A 80 21.04 -28.83 13.67
C LEU A 80 21.61 -29.56 14.88
N LYS A 81 20.77 -30.30 15.59
CA LYS A 81 21.23 -31.01 16.78
C LYS A 81 22.21 -32.13 16.41
N LYS A 82 23.43 -32.01 16.91
CA LYS A 82 24.46 -33.02 16.69
CA LYS A 82 24.45 -33.03 16.68
C LYS A 82 24.00 -34.37 17.25
N GLY A 83 24.22 -35.42 16.48
CA GLY A 83 23.86 -36.76 16.92
C GLY A 83 22.46 -37.16 16.54
N ARG A 84 21.63 -36.20 16.11
CA ARG A 84 20.28 -36.50 15.67
C ARG A 84 20.10 -36.21 14.19
N VAL A 85 20.68 -35.11 13.73
CA VAL A 85 20.46 -34.64 12.39
C VAL A 85 21.74 -34.85 11.59
N LYS A 86 21.60 -35.46 10.42
CA LYS A 86 22.71 -35.60 9.49
C LYS A 86 22.62 -34.54 8.42
N PHE A 87 23.62 -33.68 8.36
CA PHE A 87 23.69 -32.59 7.39
C PHE A 87 24.14 -33.10 6.02
N LYS A 88 23.35 -32.83 4.99
CA LYS A 88 23.65 -33.34 3.64
C LYS A 88 24.08 -32.24 2.68
N SER A 89 23.42 -31.08 2.72
CA SER A 89 23.86 -29.95 1.91
C SER A 89 23.16 -28.67 2.35
N GLN A 90 23.72 -27.55 1.94
CA GLN A 90 23.19 -26.20 2.17
CA GLN A 90 23.05 -26.29 2.14
C GLN A 90 22.95 -25.55 0.83
N GLU A 91 21.77 -24.96 0.62
CA GLU A 91 21.45 -24.20 -0.59
CA GLU A 91 21.57 -24.15 -0.56
C GLU A 91 21.01 -22.78 -0.20
N ILE A 92 21.49 -21.78 -0.93
CA ILE A 92 21.04 -20.43 -0.73
C ILE A 92 20.52 -19.90 -2.05
N ILE A 93 19.27 -19.42 -1.99
CA ILE A 93 18.60 -18.86 -3.15
C ILE A 93 18.50 -17.36 -2.92
N PRO A 94 18.98 -16.56 -3.87
CA PRO A 94 18.93 -15.10 -3.69
C PRO A 94 17.53 -14.54 -3.93
N PHE A 95 17.29 -13.38 -3.35
CA PHE A 95 16.13 -12.56 -3.66
C PHE A 95 16.69 -11.35 -4.39
N PRO A 96 16.73 -11.39 -5.73
CA PRO A 96 17.50 -10.37 -6.45
C PRO A 96 17.10 -8.92 -6.20
N ASN A 97 15.86 -8.67 -5.79
CA ASN A 97 15.41 -7.30 -5.60
C ASN A 97 15.29 -6.87 -4.14
N THR A 98 15.82 -7.68 -3.23
CA THR A 98 15.79 -7.29 -1.82
C THR A 98 16.60 -6.01 -1.63
N LYS A 99 16.14 -5.17 -0.71
CA LYS A 99 16.88 -4.00 -0.28
C LYS A 99 17.41 -4.18 1.14
N MET A 100 17.25 -5.40 1.67
CA MET A 100 17.56 -5.69 3.07
C MET A 100 18.37 -6.98 3.22
N MET A 101 19.08 -7.36 2.16
CA MET A 101 19.97 -8.52 2.13
C MET A 101 19.27 -9.84 2.47
N ARG A 102 17.98 -9.91 2.19
CA ARG A 102 17.21 -11.11 2.49
C ARG A 102 17.44 -12.19 1.44
N ASN A 103 17.25 -13.45 1.84
CA ASN A 103 17.43 -14.58 0.94
C ASN A 103 16.71 -15.80 1.49
N LEU A 104 16.85 -16.93 0.80
CA LEU A 104 16.23 -18.18 1.22
C LEU A 104 17.30 -19.21 1.47
N LEU A 105 17.36 -19.68 2.71
CA LEU A 105 18.38 -20.65 3.14
C LEU A 105 17.71 -21.99 3.31
N CYS A 106 18.27 -23.01 2.67
CA CYS A 106 17.71 -24.36 2.71
C CYS A 106 18.80 -25.30 3.15
N VAL A 107 18.48 -26.23 4.04
CA VAL A 107 19.43 -27.23 4.47
CA VAL A 107 19.43 -27.25 4.44
C VAL A 107 18.77 -28.60 4.30
N ASN A 108 19.45 -29.46 3.54
CA ASN A 108 18.98 -30.81 3.34
C ASN A 108 19.62 -31.73 4.36
N VAL A 109 18.79 -32.50 5.05
CA VAL A 109 19.25 -33.34 6.14
C VAL A 109 18.51 -34.66 6.18
N SER A 110 19.03 -35.59 6.97
CA SER A 110 18.28 -36.77 7.36
CA SER A 110 18.33 -36.80 7.36
C SER A 110 18.08 -36.72 8.86
N LEU A 111 16.89 -37.10 9.29
CA LEU A 111 16.56 -37.09 10.71
C LEU A 111 15.49 -38.14 10.96
N GLY A 112 15.73 -39.01 11.93
CA GLY A 112 14.77 -40.01 12.32
C GLY A 112 14.37 -40.97 11.22
N GLY A 113 15.27 -41.20 10.26
CA GLY A 113 15.01 -42.11 9.16
C GLY A 113 14.18 -41.47 8.06
N ASN A 114 14.21 -40.14 7.98
CA ASN A 114 13.53 -39.43 6.91
C ASN A 114 14.38 -38.29 6.37
N GLU A 115 14.25 -38.02 5.07
CA GLU A 115 14.92 -36.90 4.42
C GLU A 115 14.07 -35.65 4.48
N PHE A 116 14.69 -34.53 4.84
CA PHE A 116 14.00 -33.25 4.98
C PHE A 116 14.74 -32.17 4.21
N CYS A 117 13.97 -31.22 3.68
CA CYS A 117 14.52 -29.95 3.21
C CYS A 117 13.96 -28.90 4.16
N LEU A 118 14.83 -28.32 4.98
CA LEU A 118 14.46 -27.36 5.99
C LEU A 118 14.82 -25.97 5.48
N MET A 119 13.85 -25.06 5.50
CA MET A 119 14.02 -23.75 4.86
C MET A 119 13.69 -22.62 5.81
N THR A 120 14.43 -21.52 5.72
CA THR A 120 14.07 -20.33 6.45
C THR A 120 14.40 -19.08 5.65
N SER A 121 13.70 -18.01 6.02
CA SER A 121 13.92 -16.70 5.45
C SER A 121 13.37 -15.67 6.42
N HIS A 122 13.81 -14.44 6.21
CA HIS A 122 13.33 -13.27 6.87
C HIS A 122 12.82 -12.38 5.74
N LEU A 123 11.54 -12.50 5.40
CA LEU A 123 11.04 -11.78 4.23
C LEU A 123 11.06 -10.27 4.47
N GLU A 124 11.16 -9.53 3.37
CA GLU A 124 11.25 -8.08 3.37
C GLU A 124 10.29 -7.47 4.40
N SER A 125 10.83 -6.56 5.23
CA SER A 125 10.08 -5.97 6.34
C SER A 125 9.29 -4.71 5.98
N THR A 126 8.25 -4.48 6.78
CA THR A 126 7.39 -3.29 6.80
C THR A 126 6.28 -3.31 5.75
N ARG A 127 5.19 -2.62 6.07
CA ARG A 127 4.02 -2.58 5.20
CA ARG A 127 4.02 -2.56 5.19
C ARG A 127 4.40 -2.02 3.83
N GLU A 128 5.31 -1.06 3.82
CA GLU A 128 5.72 -0.36 2.61
C GLU A 128 6.33 -1.29 1.56
N HIS A 129 6.92 -2.40 2.01
CA HIS A 129 7.62 -3.32 1.10
C HIS A 129 6.80 -4.57 0.79
N SER A 130 5.49 -4.41 0.85
CA SER A 130 4.54 -5.49 0.58
C SER A 130 4.78 -6.18 -0.77
N ALA A 131 4.95 -5.41 -1.84
CA ALA A 131 5.12 -5.99 -3.17
C ALA A 131 6.35 -6.91 -3.22
N GLU A 132 7.46 -6.46 -2.67
CA GLU A 132 8.68 -7.28 -2.68
C GLU A 132 8.51 -8.51 -1.76
N ARG A 133 7.86 -8.32 -0.62
CA ARG A 133 7.59 -9.43 0.29
C ARG A 133 6.77 -10.52 -0.41
N ILE A 134 5.77 -10.10 -1.18
CA ILE A 134 4.93 -11.05 -1.91
C ILE A 134 5.75 -11.80 -2.97
N ARG A 135 6.62 -11.09 -3.67
CA ARG A 135 7.50 -11.74 -4.64
C ARG A 135 8.38 -12.78 -3.96
N GLN A 136 8.88 -12.45 -2.78
CA GLN A 136 9.75 -13.38 -2.06
C GLN A 136 8.97 -14.59 -1.59
N LEU A 137 7.75 -14.38 -1.10
CA LEU A 137 6.89 -15.50 -0.71
C LEU A 137 6.69 -16.48 -1.88
N LYS A 138 6.46 -15.93 -3.06
CA LYS A 138 6.30 -16.75 -4.26
C LYS A 138 7.55 -17.60 -4.53
N THR A 139 8.72 -16.99 -4.35
CA THR A 139 9.99 -17.70 -4.49
C THR A 139 10.08 -18.85 -3.49
N VAL A 140 9.73 -18.58 -2.24
CA VAL A 140 9.71 -19.61 -1.22
C VAL A 140 8.77 -20.76 -1.58
N LEU A 141 7.53 -20.42 -1.94
CA LEU A 141 6.53 -21.44 -2.21
C LEU A 141 6.94 -22.27 -3.43
N GLY A 142 7.48 -21.59 -4.44
CA GLY A 142 7.99 -22.27 -5.61
C GLY A 142 9.07 -23.28 -5.25
N LYS A 143 9.98 -22.89 -4.37
CA LYS A 143 11.06 -23.77 -3.97
C LYS A 143 10.51 -24.97 -3.19
N MET A 144 9.51 -24.76 -2.35
CA MET A 144 8.89 -25.86 -1.61
C MET A 144 8.31 -26.91 -2.56
N GLN A 145 7.74 -26.44 -3.67
CA GLN A 145 7.11 -27.33 -4.62
C GLN A 145 8.13 -28.11 -5.46
N GLU A 146 9.31 -27.51 -5.66
CA GLU A 146 10.36 -28.09 -6.50
C GLU A 146 11.07 -29.28 -5.87
N ALA A 147 10.99 -29.40 -4.55
CA ALA A 147 11.75 -30.44 -3.86
C ALA A 147 11.29 -31.81 -4.33
N PRO A 148 12.21 -32.79 -4.34
CA PRO A 148 11.85 -34.18 -4.70
C PRO A 148 10.66 -34.68 -3.89
N ASP A 149 9.81 -35.50 -4.51
CA ASP A 149 8.54 -35.86 -3.89
C ASP A 149 8.71 -36.71 -2.62
N SER A 150 9.88 -37.33 -2.49
CA SER A 150 10.17 -38.20 -1.36
C SER A 150 10.60 -37.42 -0.13
N THR A 151 11.02 -36.19 -0.35
CA THR A 151 11.55 -35.37 0.73
C THR A 151 10.43 -34.62 1.42
N THR A 152 10.58 -34.45 2.72
CA THR A 152 9.62 -33.67 3.50
C THR A 152 10.13 -32.25 3.63
N VAL A 153 9.30 -31.29 3.22
CA VAL A 153 9.72 -29.89 3.18
C VAL A 153 9.04 -29.11 4.30
N ILE A 154 9.84 -28.41 5.10
CA ILE A 154 9.33 -27.54 6.15
C ILE A 154 10.03 -26.19 6.01
N PHE A 155 9.23 -25.14 5.90
CA PHE A 155 9.70 -23.77 6.00
C PHE A 155 9.27 -23.20 7.34
N ALA A 156 10.16 -22.50 8.02
CA ALA A 156 9.79 -21.80 9.24
C ALA A 156 10.61 -20.54 9.27
N GLY A 157 9.95 -19.40 9.40
CA GLY A 157 10.68 -18.16 9.41
C GLY A 157 9.82 -16.95 9.71
N ASP A 158 10.46 -15.79 9.61
CA ASP A 158 9.78 -14.52 9.82
C ASP A 158 9.32 -14.00 8.48
N THR A 159 8.04 -14.16 8.20
CA THR A 159 7.49 -13.84 6.90
C THR A 159 7.05 -12.38 6.78
N ASN A 160 6.86 -11.69 7.90
CA ASN A 160 6.34 -10.33 7.88
C ASN A 160 4.99 -10.20 7.17
N LEU A 161 4.28 -11.30 7.03
CA LEU A 161 3.05 -11.29 6.26
C LEU A 161 1.85 -10.72 7.01
N ARG A 162 1.00 -10.06 6.24
CA ARG A 162 -0.35 -9.70 6.66
C ARG A 162 -1.25 -10.67 5.94
N ASP A 163 -2.38 -11.04 6.53
CA ASP A 163 -3.26 -12.04 5.92
C ASP A 163 -3.70 -11.65 4.50
N GLN A 164 -3.94 -10.37 4.26
CA GLN A 164 -4.38 -9.94 2.94
C GLN A 164 -3.34 -10.24 1.86
N GLU A 165 -2.07 -10.26 2.24
CA GLU A 165 -0.97 -10.48 1.29
C GLU A 165 -0.88 -11.92 0.78
N VAL A 166 -1.18 -12.88 1.63
CA VAL A 166 -1.19 -14.27 1.20
C VAL A 166 -2.32 -14.49 0.17
N ILE A 167 -3.45 -13.82 0.37
CA ILE A 167 -4.58 -13.87 -0.57
C ILE A 167 -4.17 -13.28 -1.91
N LYS A 168 -3.45 -12.16 -1.87
CA LYS A 168 -3.00 -11.51 -3.10
C LYS A 168 -2.06 -12.42 -3.85
N CYS A 169 -1.43 -13.31 -3.11
CA CYS A 169 -0.56 -14.32 -3.66
C CYS A 169 -1.37 -15.44 -4.30
N GLY A 170 -2.67 -15.45 -4.00
CA GLY A 170 -3.54 -16.54 -4.41
C GLY A 170 -3.72 -17.62 -3.37
N GLY A 171 -3.14 -17.43 -2.19
CA GLY A 171 -3.23 -18.41 -1.13
C GLY A 171 -2.13 -19.45 -1.20
N LEU A 172 -1.95 -20.24 -0.15
CA LEU A 172 -0.97 -21.31 -0.19
C LEU A 172 -1.36 -22.35 -1.24
N PRO A 173 -0.36 -22.93 -1.94
CA PRO A 173 -0.64 -23.99 -2.93
C PRO A 173 -1.33 -25.19 -2.30
N ASP A 174 -1.93 -26.04 -3.12
CA ASP A 174 -2.78 -27.11 -2.62
C ASP A 174 -2.12 -28.10 -1.66
N ASN A 175 -0.85 -28.39 -1.86
CA ASN A 175 -0.15 -29.35 -1.01
C ASN A 175 0.73 -28.68 0.05
N VAL A 176 0.50 -27.40 0.31
CA VAL A 176 1.29 -26.64 1.29
C VAL A 176 0.35 -26.09 2.35
N PHE A 177 0.70 -26.32 3.61
CA PHE A 177 -0.16 -25.98 4.73
C PHE A 177 0.59 -25.14 5.73
N ASP A 178 -0.16 -24.32 6.46
CA ASP A 178 0.38 -23.49 7.54
C ASP A 178 0.08 -24.25 8.83
N ALA A 179 1.10 -24.48 9.67
CA ALA A 179 0.92 -25.33 10.86
C ALA A 179 -0.11 -24.78 11.83
N TRP A 180 -0.11 -23.47 12.02
CA TRP A 180 -1.08 -22.81 12.89
C TRP A 180 -2.50 -22.98 12.38
N GLU A 181 -2.69 -22.84 11.06
CA GLU A 181 -4.00 -23.07 10.47
C GLU A 181 -4.42 -24.53 10.65
N PHE A 182 -3.46 -25.42 10.43
CA PHE A 182 -3.73 -26.86 10.51
C PHE A 182 -4.26 -27.25 11.88
N LEU A 183 -3.69 -26.63 12.91
CA LEU A 183 -4.06 -26.90 14.29
C LEU A 183 -5.32 -26.15 14.73
N GLY A 184 -6.02 -25.51 13.79
CA GLY A 184 -7.29 -24.88 14.09
C GLY A 184 -7.20 -23.44 14.59
N LYS A 185 -6.14 -22.75 14.19
CA LYS A 185 -5.95 -21.34 14.53
C LYS A 185 -6.04 -21.06 16.03
N PRO A 186 -5.26 -21.78 16.85
CA PRO A 186 -5.33 -21.57 18.30
C PRO A 186 -4.94 -20.15 18.73
N LYS A 187 -5.71 -19.58 19.64
CA LYS A 187 -5.49 -18.20 20.04
C LYS A 187 -4.21 -17.99 20.84
N HIS A 188 -3.76 -19.00 21.57
CA HIS A 188 -2.64 -18.82 22.49
C HIS A 188 -1.33 -18.50 21.78
N CYS A 189 -1.19 -18.89 20.51
CA CYS A 189 0.04 -18.65 19.80
C CYS A 189 -0.20 -17.93 18.50
N GLN A 190 -1.32 -17.23 18.41
CA GLN A 190 -1.65 -16.52 17.18
C GLN A 190 -0.68 -15.40 16.84
N TYR A 191 -0.39 -14.53 17.80
CA TYR A 191 0.46 -13.38 17.53
C TYR A 191 1.88 -13.64 18.01
N THR A 192 2.84 -13.41 17.13
CA THR A 192 4.25 -13.67 17.41
C THR A 192 5.05 -12.37 17.57
N TRP A 193 4.38 -11.24 17.37
CA TRP A 193 4.99 -9.92 17.51
C TRP A 193 3.89 -9.02 18.06
N ASP A 194 4.07 -8.50 19.27
CA ASP A 194 2.97 -7.86 20.00
C ASP A 194 3.53 -6.76 20.89
N THR A 195 3.35 -5.51 20.47
CA THR A 195 3.93 -4.37 21.16
C THR A 195 3.19 -3.99 22.45
N LYS A 196 2.04 -4.59 22.70
CA LYS A 196 1.39 -4.39 24.01
C LYS A 196 2.09 -5.23 25.07
N ALA A 197 2.41 -6.47 24.70
CA ALA A 197 3.00 -7.43 25.61
C ALA A 197 4.52 -7.41 25.63
N ASN A 198 5.12 -6.87 24.58
CA ASN A 198 6.57 -6.84 24.42
C ASN A 198 7.01 -5.40 24.20
N ASN A 199 7.90 -4.92 25.05
CA ASN A 199 8.34 -3.52 24.97
CA ASN A 199 8.35 -3.52 25.00
C ASN A 199 9.79 -3.34 24.51
N ASN A 200 10.38 -4.37 23.91
CA ASN A 200 11.79 -4.25 23.49
C ASN A 200 12.04 -3.09 22.52
N LEU A 201 11.11 -2.85 21.61
CA LEU A 201 11.25 -1.77 20.62
C LEU A 201 10.81 -0.40 21.15
N ARG A 202 10.21 -0.39 22.34
CA ARG A 202 9.74 0.84 22.96
C ARG A 202 8.70 1.59 22.12
N ILE A 203 7.89 0.83 21.38
CA ILE A 203 6.79 1.41 20.62
C ILE A 203 5.62 1.71 21.57
N PRO A 204 5.20 2.98 21.67
CA PRO A 204 4.16 3.38 22.61
C PRO A 204 2.75 3.23 22.04
N ALA A 205 2.47 2.03 21.58
CA ALA A 205 1.20 1.73 20.93
C ALA A 205 1.04 0.22 20.96
N ALA A 206 -0.16 -0.26 20.71
CA ALA A 206 -0.48 -1.68 20.79
C ALA A 206 -0.85 -2.23 19.41
N TYR A 207 0.10 -2.95 18.82
CA TYR A 207 -0.10 -3.61 17.54
C TYR A 207 0.39 -5.04 17.66
N LYS A 208 -0.30 -5.96 16.99
CA LYS A 208 0.10 -7.35 17.04
C LYS A 208 -0.13 -8.04 15.71
N HIS A 209 0.80 -8.93 15.38
CA HIS A 209 0.83 -9.60 14.08
C HIS A 209 1.34 -11.02 14.19
N ARG A 210 0.87 -11.86 13.28
CA ARG A 210 1.39 -13.21 13.09
C ARG A 210 2.44 -13.17 11.98
N PHE A 211 3.59 -12.63 12.31
CA PHE A 211 4.66 -12.50 11.32
C PHE A 211 5.42 -13.80 11.13
N ASP A 212 5.58 -14.56 12.20
CA ASP A 212 6.38 -15.77 12.15
C ASP A 212 5.48 -16.95 11.85
N ARG A 213 5.81 -17.71 10.80
CA ARG A 213 4.92 -18.74 10.29
C ARG A 213 5.69 -19.98 9.86
N ILE A 214 4.98 -21.11 9.86
CA ILE A 214 5.52 -22.40 9.52
C ILE A 214 4.66 -22.98 8.40
N PHE A 215 5.29 -23.31 7.28
CA PHE A 215 4.64 -23.95 6.14
C PHE A 215 5.26 -25.32 5.93
N PHE A 216 4.45 -26.29 5.56
CA PHE A 216 4.99 -27.60 5.24
C PHE A 216 4.29 -28.20 4.04
N ARG A 217 5.04 -29.01 3.31
CA ARG A 217 4.49 -29.71 2.16
C ARG A 217 4.21 -31.15 2.50
N ALA A 218 3.00 -31.59 2.21
CA ALA A 218 2.55 -32.92 2.56
C ALA A 218 1.53 -33.41 1.54
N GLU A 220 0.80 -36.66 1.16
CA GLU A 220 -0.49 -36.49 1.84
C GLU A 220 -0.56 -37.31 3.13
N GLY A 221 -0.94 -36.64 4.21
CA GLY A 221 -1.09 -37.27 5.51
C GLY A 221 0.24 -37.65 6.14
N HIS A 222 1.34 -37.44 5.42
CA HIS A 222 2.62 -37.93 5.88
C HIS A 222 3.27 -37.04 6.94
N LEU A 223 2.84 -35.78 7.03
CA LEU A 223 3.37 -34.87 8.06
C LEU A 223 2.21 -34.24 8.83
N ILE A 224 2.15 -34.51 10.14
CA ILE A 224 1.03 -34.08 10.97
CA ILE A 224 1.03 -34.07 10.96
C ILE A 224 1.50 -33.23 12.16
N PRO A 225 1.21 -31.92 12.12
CA PRO A 225 1.54 -31.11 13.29
C PRO A 225 0.87 -31.63 14.55
N GLN A 226 1.64 -31.66 15.63
CA GLN A 226 1.16 -32.14 16.92
C GLN A 226 0.91 -31.00 17.89
N SER A 227 1.76 -29.97 17.87
CA SER A 227 1.63 -28.87 18.82
C SER A 227 2.34 -27.64 18.29
N LEU A 228 1.87 -26.49 18.76
CA LEU A 228 2.50 -25.22 18.48
C LEU A 228 2.33 -24.34 19.72
N ASP A 229 3.42 -23.75 20.19
CA ASP A 229 3.44 -22.96 21.41
C ASP A 229 4.43 -21.80 21.25
N LEU A 230 4.17 -20.70 21.95
CA LEU A 230 5.13 -19.60 21.98
C LEU A 230 6.22 -19.85 23.00
N VAL A 231 7.41 -19.32 22.71
CA VAL A 231 8.51 -19.26 23.67
C VAL A 231 9.08 -17.85 23.73
N GLY A 232 9.84 -17.58 24.78
CA GLY A 232 10.51 -16.30 24.95
C GLY A 232 9.67 -15.21 25.59
N LEU A 233 8.67 -15.61 26.37
CA LEU A 233 7.74 -14.67 26.97
C LEU A 233 8.13 -14.19 28.36
N GLU A 234 9.30 -14.60 28.83
CA GLU A 234 9.77 -14.22 30.16
C GLU A 234 10.79 -13.09 30.03
N LYS A 235 10.62 -12.03 30.84
CA LYS A 235 11.62 -10.99 30.90
C LYS A 235 12.88 -11.55 31.55
N LEU A 236 14.02 -11.09 31.07
CA LEU A 236 15.32 -11.49 31.60
C LEU A 236 15.75 -10.55 32.74
N ASP A 237 16.94 -10.78 33.30
CA ASP A 237 17.44 -9.98 34.42
CA ASP A 237 17.44 -9.99 34.43
C ASP A 237 17.46 -8.49 34.10
N CYS A 238 17.78 -8.16 32.85
CA CYS A 238 17.84 -6.76 32.43
C CYS A 238 16.47 -6.10 32.27
N GLY A 239 15.40 -6.87 32.42
CA GLY A 239 14.05 -6.32 32.32
C GLY A 239 13.49 -6.25 30.92
N ARG A 240 14.18 -6.89 29.98
CA ARG A 240 13.75 -6.94 28.59
C ARG A 240 13.61 -8.40 28.19
N PHE A 241 12.94 -8.62 27.06
CA PHE A 241 12.76 -9.95 26.52
C PHE A 241 13.95 -10.36 25.66
N PRO A 242 14.08 -11.67 25.36
CA PRO A 242 15.15 -12.08 24.45
C PRO A 242 15.11 -11.38 23.09
N SER A 243 13.90 -11.05 22.63
CA SER A 243 13.70 -10.43 21.34
C SER A 243 12.41 -9.62 21.34
N ASP A 244 12.21 -8.79 20.31
CA ASP A 244 10.91 -8.15 20.08
C ASP A 244 9.86 -9.14 19.56
N HIS A 245 10.31 -10.29 19.04
CA HIS A 245 9.40 -11.36 18.64
C HIS A 245 9.34 -12.44 19.70
N TRP A 246 8.20 -13.12 19.76
CA TRP A 246 8.13 -14.41 20.41
C TRP A 246 8.62 -15.48 19.43
N GLY A 247 9.21 -16.55 19.97
CA GLY A 247 9.54 -17.72 19.19
C GLY A 247 8.37 -18.70 19.12
N LEU A 248 8.44 -19.59 18.14
CA LEU A 248 7.48 -20.68 18.00
C LEU A 248 8.15 -22.01 18.19
N LEU A 249 7.59 -22.83 19.05
CA LEU A 249 8.00 -24.21 19.28
C LEU A 249 6.96 -25.12 18.66
N CYS A 250 7.38 -25.97 17.74
CA CYS A 250 6.46 -26.83 17.01
C CYS A 250 6.95 -28.27 17.03
N THR A 251 6.04 -29.21 17.20
CA THR A 251 6.37 -30.61 17.02
C THR A 251 5.48 -31.18 15.94
N LEU A 252 6.05 -32.03 15.08
CA LEU A 252 5.33 -32.64 13.96
C LEU A 252 5.67 -34.12 13.96
N ASN A 253 4.69 -34.94 13.57
CA ASN A 253 4.96 -36.37 13.37
CA ASN A 253 4.89 -36.37 13.41
C ASN A 253 5.02 -36.73 11.92
N VAL A 254 5.99 -37.56 11.60
CA VAL A 254 6.16 -38.08 10.25
C VAL A 254 5.53 -39.44 10.21
N VAL A 255 4.51 -39.59 9.37
CA VAL A 255 3.64 -40.76 9.42
C VAL A 255 3.72 -41.58 8.14
N LEU A 256 3.64 -42.90 8.28
CA LEU A 256 3.67 -43.81 7.14
C LEU A 256 2.55 -43.58 6.14
N SER B 8 -24.74 25.89 -30.10
N SER B 8 -25.65 25.75 -29.53
CA SER B 8 -23.95 26.92 -29.42
CA SER B 8 -25.57 25.80 -28.08
C SER B 8 -22.77 26.28 -28.73
C SER B 8 -24.32 25.10 -27.59
N THR B 9 -21.65 26.99 -28.71
N THR B 9 -23.38 25.89 -27.10
CA THR B 9 -20.43 26.50 -28.09
CA THR B 9 -22.07 25.39 -26.71
C THR B 9 -20.36 27.01 -26.66
C THR B 9 -21.86 25.75 -25.26
N ILE B 10 -19.90 26.15 -25.75
N ILE B 10 -20.94 25.05 -24.61
CA ILE B 10 -19.71 26.52 -24.37
CA ILE B 10 -20.54 25.39 -23.25
C ILE B 10 -18.28 26.17 -24.00
C ILE B 10 -19.03 25.24 -23.17
N SER B 11 -17.76 26.83 -22.98
N SER B 11 -18.38 26.20 -22.51
CA SER B 11 -16.43 26.56 -22.49
CA SER B 11 -16.94 26.17 -22.35
C SER B 11 -16.41 26.48 -20.98
C SER B 11 -16.60 26.29 -20.87
N PHE B 12 -15.53 25.65 -20.46
CA PHE B 12 -15.16 25.69 -19.06
C PHE B 12 -13.69 25.42 -18.82
N ILE B 13 -13.23 25.85 -17.66
CA ILE B 13 -11.92 25.49 -17.16
C ILE B 13 -12.08 24.75 -15.85
N THR B 14 -11.32 23.67 -15.65
CA THR B 14 -11.19 23.06 -14.32
C THR B 14 -9.74 23.15 -13.91
N TRP B 15 -9.50 23.53 -12.65
CA TRP B 15 -8.14 23.84 -12.22
C TRP B 15 -8.01 23.76 -10.70
N ASN B 16 -7.08 22.93 -10.25
CA ASN B 16 -6.66 22.92 -8.86
C ASN B 16 -5.61 24.01 -8.76
N ILE B 17 -5.93 25.06 -8.02
CA ILE B 17 -5.10 26.26 -8.05
C ILE B 17 -4.14 26.38 -6.85
N ASP B 18 -4.05 25.32 -6.07
CA ASP B 18 -3.03 25.19 -5.03
C ASP B 18 -3.03 26.37 -4.05
N GLY B 19 -4.21 26.65 -3.49
CA GLY B 19 -4.34 27.68 -2.47
C GLY B 19 -3.65 27.30 -1.18
N LEU B 20 -3.28 26.03 -1.04
CA LEU B 20 -2.56 25.56 0.13
C LEU B 20 -1.07 25.94 0.11
N ASP B 21 -0.59 26.38 -1.04
CA ASP B 21 0.77 26.90 -1.15
C ASP B 21 0.72 28.40 -0.89
N GLY B 22 1.20 28.83 0.27
CA GLY B 22 1.17 30.24 0.61
C GLY B 22 2.22 31.05 -0.14
N CYS B 23 3.22 30.38 -0.70
CA CYS B 23 4.32 31.09 -1.36
CA CYS B 23 4.32 31.06 -1.35
C CYS B 23 3.86 31.70 -2.67
N ASN B 24 4.08 33.01 -2.79
CA ASN B 24 3.67 33.79 -3.96
C ASN B 24 2.18 33.70 -4.23
N LEU B 25 1.37 33.48 -3.20
CA LEU B 25 -0.03 33.18 -3.44
C LEU B 25 -0.80 34.34 -4.09
N PRO B 26 -0.60 35.57 -3.61
CA PRO B 26 -1.31 36.67 -4.27
C PRO B 26 -0.96 36.81 -5.74
N GLU B 27 0.33 36.77 -6.07
CA GLU B 27 0.75 36.83 -7.46
C GLU B 27 0.18 35.65 -8.26
N ARG B 28 0.14 34.47 -7.67
CA ARG B 28 -0.34 33.29 -8.36
C ARG B 28 -1.86 33.34 -8.60
N ALA B 29 -2.58 33.89 -7.63
CA ALA B 29 -4.03 34.07 -7.78
C ALA B 29 -4.32 35.03 -8.93
N ARG B 30 -3.53 36.09 -9.01
CA ARG B 30 -3.70 37.07 -10.06
C ARG B 30 -3.34 36.41 -11.40
N GLY B 31 -2.37 35.50 -11.36
CA GLY B 31 -1.97 34.75 -12.54
C GLY B 31 -3.07 33.82 -13.04
N VAL B 32 -3.72 33.11 -12.13
CA VAL B 32 -4.88 32.30 -12.48
C VAL B 32 -5.93 33.16 -13.17
N CYS B 33 -6.24 34.31 -12.60
CA CYS B 33 -7.33 35.12 -13.16
C CYS B 33 -6.96 35.78 -14.48
N SER B 34 -5.67 36.06 -14.70
CA SER B 34 -5.22 36.56 -16.00
C SER B 34 -5.47 35.51 -17.07
N CYS B 35 -5.27 34.25 -16.71
CA CYS B 35 -5.54 33.14 -17.59
CA CYS B 35 -5.55 33.14 -17.61
C CYS B 35 -7.05 33.01 -17.84
N LEU B 36 -7.85 33.08 -16.78
CA LEU B 36 -9.31 33.03 -16.95
C LEU B 36 -9.82 34.17 -17.84
N ALA B 37 -9.22 35.34 -17.72
CA ALA B 37 -9.63 36.49 -18.52
C ALA B 37 -9.39 36.26 -20.01
N LEU B 38 -8.31 35.54 -20.33
CA LEU B 38 -7.96 35.30 -21.72
C LEU B 38 -9.00 34.42 -22.42
N TYR B 39 -9.52 33.43 -21.71
CA TYR B 39 -10.44 32.45 -22.29
C TYR B 39 -11.92 32.72 -22.01
N SER B 40 -12.18 33.56 -21.02
CA SER B 40 -13.55 33.95 -20.64
CA SER B 40 -13.55 33.95 -20.64
C SER B 40 -14.54 32.79 -20.68
N PRO B 41 -14.26 31.74 -19.90
CA PRO B 41 -15.13 30.57 -19.92
C PRO B 41 -16.51 30.80 -19.30
N ASP B 42 -17.47 30.01 -19.75
CA ASP B 42 -18.81 30.05 -19.17
C ASP B 42 -18.82 29.58 -17.74
N VAL B 43 -17.99 28.58 -17.45
CA VAL B 43 -17.93 27.97 -16.13
C VAL B 43 -16.48 27.73 -15.73
N VAL B 44 -16.17 27.94 -14.46
CA VAL B 44 -14.87 27.58 -13.92
C VAL B 44 -15.07 26.70 -12.69
N PHE B 45 -14.42 25.53 -12.71
CA PHE B 45 -14.40 24.62 -11.57
C PHE B 45 -13.03 24.74 -10.93
N LEU B 46 -12.99 25.08 -9.63
CA LEU B 46 -11.72 25.26 -8.94
C LEU B 46 -11.60 24.32 -7.75
N GLN B 47 -10.38 23.88 -7.47
CA GLN B 47 -10.09 23.14 -6.26
C GLN B 47 -8.95 23.81 -5.47
N GLU B 48 -8.93 23.55 -4.17
CA GLU B 48 -7.96 24.13 -3.22
C GLU B 48 -8.07 25.64 -3.10
N VAL B 49 -9.30 26.13 -3.19
CA VAL B 49 -9.60 27.50 -2.81
C VAL B 49 -9.55 27.62 -1.28
N ILE B 50 -8.99 28.71 -0.79
CA ILE B 50 -9.02 29.01 0.65
C ILE B 50 -9.79 30.33 0.86
N PRO B 51 -10.20 30.63 2.10
CA PRO B 51 -11.07 31.80 2.28
C PRO B 51 -10.58 33.15 1.68
N PRO B 52 -9.31 33.54 1.89
CA PRO B 52 -8.92 34.82 1.28
C PRO B 52 -8.84 34.77 -0.24
N TYR B 53 -8.64 33.58 -0.80
CA TYR B 53 -8.63 33.39 -2.26
C TYR B 53 -10.05 33.54 -2.75
N CYS B 54 -11.00 32.97 -2.00
CA CYS B 54 -12.41 33.12 -2.35
C CYS B 54 -12.81 34.60 -2.29
N ALA B 55 -12.31 35.32 -1.29
CA ALA B 55 -12.62 36.74 -1.15
C ALA B 55 -12.10 37.53 -2.36
N TYR B 56 -10.89 37.20 -2.81
CA TYR B 56 -10.33 37.79 -4.01
C TYR B 56 -11.22 37.51 -5.22
N LEU B 57 -11.62 36.25 -5.39
CA LEU B 57 -12.45 35.87 -6.53
C LEU B 57 -13.80 36.59 -6.55
N LYS B 58 -14.37 36.84 -5.38
CA LYS B 58 -15.66 37.52 -5.32
C LYS B 58 -15.58 38.94 -5.85
N LYS B 59 -14.38 39.53 -5.80
CA LYS B 59 -14.17 40.84 -6.39
C LYS B 59 -13.69 40.76 -7.84
N ARG B 60 -12.66 39.95 -8.07
CA ARG B 60 -12.06 39.82 -9.40
C ARG B 60 -13.01 39.19 -10.42
N ALA B 61 -13.80 38.24 -9.95
CA ALA B 61 -14.73 37.51 -10.79
C ALA B 61 -16.16 37.86 -10.40
N ALA B 62 -16.39 39.13 -10.09
CA ALA B 62 -17.73 39.58 -9.70
C ALA B 62 -18.75 39.39 -10.83
N SER B 63 -18.25 39.21 -12.05
CA SER B 63 -19.08 38.91 -13.22
C SER B 63 -19.52 37.44 -13.28
N TYR B 64 -19.11 36.64 -12.29
CA TYR B 64 -19.54 35.25 -12.17
C TYR B 64 -20.29 35.06 -10.86
N THR B 65 -21.25 34.15 -10.85
CA THR B 65 -21.87 33.69 -9.62
C THR B 65 -20.94 32.66 -9.03
N ILE B 66 -20.60 32.80 -7.76
CA ILE B 66 -19.61 31.94 -7.12
C ILE B 66 -20.25 31.05 -6.06
N ILE B 67 -20.19 29.74 -6.32
CA ILE B 67 -20.70 28.72 -5.42
C ILE B 67 -19.51 27.98 -4.81
N THR B 68 -19.51 27.80 -3.48
CA THR B 68 -18.37 27.18 -2.81
C THR B 68 -18.73 25.90 -2.06
N GLY B 69 -17.74 25.01 -1.91
CA GLY B 69 -17.96 23.72 -1.28
C GLY B 69 -17.79 23.72 0.24
N ASN B 70 -17.28 24.82 0.78
CA ASN B 70 -17.13 24.99 2.22
CA ASN B 70 -17.13 24.99 2.23
C ASN B 70 -16.79 26.45 2.49
N GLU B 71 -16.66 26.82 3.76
CA GLU B 71 -16.35 28.20 4.12
C GLU B 71 -15.04 28.33 4.90
N GLU B 72 -14.50 27.20 5.34
CA GLU B 72 -13.22 27.19 6.06
CA GLU B 72 -13.22 27.19 6.06
C GLU B 72 -12.30 26.11 5.50
N GLY B 73 -11.02 26.21 5.85
CA GLY B 73 -10.04 25.25 5.37
C GLY B 73 -9.74 25.49 3.91
N TYR B 74 -9.81 24.43 3.11
CA TYR B 74 -9.70 24.56 1.68
C TYR B 74 -10.84 23.80 1.05
N PHE B 75 -11.26 24.23 -0.13
CA PHE B 75 -12.51 23.75 -0.71
C PHE B 75 -12.59 24.04 -2.20
N THR B 76 -13.62 23.49 -2.81
CA THR B 76 -13.87 23.69 -4.22
C THR B 76 -14.80 24.88 -4.46
N ALA B 77 -14.85 25.32 -5.71
CA ALA B 77 -15.79 26.35 -6.10
C ALA B 77 -16.22 26.13 -7.54
N ILE B 78 -17.42 26.59 -7.86
CA ILE B 78 -17.89 26.65 -9.24
C ILE B 78 -18.29 28.09 -9.53
N LEU B 79 -17.72 28.66 -10.59
CA LEU B 79 -18.01 30.01 -11.05
C LEU B 79 -18.86 29.94 -12.31
N LEU B 80 -19.95 30.70 -12.34
CA LEU B 80 -20.92 30.65 -13.43
C LEU B 80 -21.08 32.03 -14.05
N LYS B 81 -20.80 32.15 -15.33
CA LYS B 81 -20.77 33.46 -15.97
C LYS B 81 -22.18 34.07 -16.01
N LYS B 82 -22.33 35.22 -15.38
CA LYS B 82 -23.62 35.89 -15.35
C LYS B 82 -24.02 36.31 -16.78
N GLY B 83 -25.27 36.09 -17.12
CA GLY B 83 -25.75 36.42 -18.46
C GLY B 83 -25.67 35.27 -19.44
N ARG B 84 -24.78 34.32 -19.17
CA ARG B 84 -24.67 33.11 -19.97
C ARG B 84 -25.30 31.93 -19.24
N VAL B 85 -25.03 31.84 -17.95
CA VAL B 85 -25.47 30.71 -17.15
C VAL B 85 -26.47 31.15 -16.09
N LYS B 86 -27.63 30.50 -16.08
CA LYS B 86 -28.63 30.74 -15.05
C LYS B 86 -28.46 29.73 -13.92
N PHE B 87 -28.23 30.24 -12.71
CA PHE B 87 -28.05 29.42 -11.53
C PHE B 87 -29.39 29.02 -10.91
N LYS B 88 -29.65 27.72 -10.79
CA LYS B 88 -30.94 27.25 -10.28
C LYS B 88 -30.88 26.65 -8.88
N SER B 89 -29.78 25.95 -8.56
CA SER B 89 -29.59 25.42 -7.20
C SER B 89 -28.18 24.86 -7.03
N GLN B 90 -27.76 24.71 -5.78
CA GLN B 90 -26.52 24.03 -5.46
C GLN B 90 -26.81 22.88 -4.52
N GLU B 91 -26.00 21.84 -4.60
CA GLU B 91 -26.13 20.68 -3.74
C GLU B 91 -24.73 20.25 -3.31
N ILE B 92 -24.56 19.98 -2.03
CA ILE B 92 -23.32 19.42 -1.53
C ILE B 92 -23.60 18.05 -0.92
N ILE B 93 -22.81 17.08 -1.38
CA ILE B 93 -22.91 15.71 -0.92
C ILE B 93 -21.63 15.38 -0.17
N PRO B 94 -21.75 14.90 1.06
CA PRO B 94 -20.55 14.63 1.84
C PRO B 94 -19.85 13.35 1.42
N PHE B 95 -18.55 13.28 1.69
CA PHE B 95 -17.81 12.03 1.65
C PHE B 95 -17.57 11.66 3.11
N PRO B 96 -18.42 10.78 3.69
CA PRO B 96 -18.40 10.59 5.15
C PRO B 96 -17.06 10.13 5.72
N ASN B 97 -16.23 9.44 4.93
CA ASN B 97 -14.96 8.93 5.44
C ASN B 97 -13.72 9.71 5.02
N THR B 98 -13.89 10.89 4.43
CA THR B 98 -12.74 11.70 4.04
C THR B 98 -11.97 12.11 5.29
N LYS B 99 -10.65 12.17 5.14
CA LYS B 99 -9.78 12.71 6.16
C LYS B 99 -9.21 14.07 5.74
N MET B 100 -9.73 14.60 4.62
CA MET B 100 -9.20 15.81 4.02
C MET B 100 -10.31 16.81 3.63
N MET B 101 -11.46 16.65 4.29
CA MET B 101 -12.60 17.56 4.14
CA MET B 101 -12.61 17.54 4.14
C MET B 101 -13.13 17.63 2.72
N ARG B 102 -12.94 16.56 1.96
CA ARG B 102 -13.38 16.53 0.58
C ARG B 102 -14.88 16.25 0.50
N ASN B 103 -15.50 16.71 -0.58
CA ASN B 103 -16.93 16.51 -0.80
C ASN B 103 -17.25 16.66 -2.28
N LEU B 104 -18.53 16.56 -2.60
CA LEU B 104 -18.99 16.66 -3.99
C LEU B 104 -19.93 17.85 -4.10
N LEU B 105 -19.53 18.82 -4.93
CA LEU B 105 -20.28 20.06 -5.12
C LEU B 105 -20.95 20.04 -6.47
N CYS B 106 -22.26 20.26 -6.48
CA CYS B 106 -23.05 20.23 -7.69
C CYS B 106 -23.84 21.50 -7.84
N VAL B 107 -24.02 21.94 -9.08
CA VAL B 107 -24.95 23.02 -9.35
C VAL B 107 -25.83 22.66 -10.52
N ASN B 108 -27.10 23.01 -10.37
CA ASN B 108 -28.04 22.88 -11.46
CA ASN B 108 -28.06 22.89 -11.46
C ASN B 108 -28.19 24.24 -12.12
N VAL B 109 -28.01 24.26 -13.43
CA VAL B 109 -28.02 25.49 -14.18
C VAL B 109 -28.68 25.28 -15.53
N SER B 110 -28.97 26.38 -16.21
CA SER B 110 -29.28 26.28 -17.62
C SER B 110 -28.51 27.28 -18.46
N LEU B 111 -28.29 26.87 -19.70
CA LEU B 111 -27.86 27.75 -20.76
C LEU B 111 -28.95 27.72 -21.81
N GLY B 112 -29.76 28.77 -21.86
CA GLY B 112 -30.91 28.80 -22.74
C GLY B 112 -31.83 27.67 -22.36
N GLY B 113 -32.17 26.85 -23.34
CA GLY B 113 -33.08 25.74 -23.13
C GLY B 113 -32.44 24.49 -22.55
N ASN B 114 -31.11 24.47 -22.43
CA ASN B 114 -30.41 23.26 -21.99
C ASN B 114 -30.09 23.24 -20.51
N GLU B 115 -30.58 22.22 -19.82
CA GLU B 115 -30.34 22.04 -18.39
C GLU B 115 -29.11 21.21 -18.16
N PHE B 116 -28.29 21.65 -17.21
CA PHE B 116 -27.07 20.94 -16.84
C PHE B 116 -27.00 20.70 -15.33
N CYS B 117 -26.35 19.61 -14.97
CA CYS B 117 -25.88 19.41 -13.60
C CYS B 117 -24.36 19.39 -13.69
N LEU B 118 -23.72 20.40 -13.11
CA LEU B 118 -22.28 20.56 -13.18
C LEU B 118 -21.72 20.22 -11.80
N MET B 119 -20.67 19.40 -11.78
CA MET B 119 -20.17 18.81 -10.54
C MET B 119 -18.66 18.95 -10.46
N THR B 120 -18.16 19.18 -9.26
CA THR B 120 -16.71 19.12 -9.05
C THR B 120 -16.37 18.55 -7.68
N SER B 121 -15.16 18.03 -7.60
CA SER B 121 -14.64 17.49 -6.37
C SER B 121 -13.13 17.52 -6.46
N HIS B 122 -12.51 17.37 -5.30
CA HIS B 122 -11.08 17.20 -5.16
C HIS B 122 -10.95 15.87 -4.42
N LEU B 123 -10.85 14.77 -5.15
CA LEU B 123 -10.86 13.47 -4.49
C LEU B 123 -9.63 13.28 -3.61
N GLU B 124 -9.81 12.46 -2.58
CA GLU B 124 -8.76 12.16 -1.61
C GLU B 124 -7.40 12.00 -2.27
N SER B 125 -6.39 12.67 -1.71
CA SER B 125 -5.06 12.77 -2.30
C SER B 125 -4.11 11.68 -1.81
N THR B 126 -3.12 11.38 -2.67
CA THR B 126 -1.96 10.51 -2.42
C THR B 126 -2.21 9.02 -2.64
N ARG B 127 -1.14 8.31 -2.93
CA ARG B 127 -1.21 6.89 -3.21
C ARG B 127 -1.80 6.13 -2.02
N GLU B 128 -1.40 6.55 -0.82
CA GLU B 128 -1.80 5.92 0.43
C GLU B 128 -3.32 5.83 0.60
N HIS B 129 -4.05 6.80 0.05
CA HIS B 129 -5.49 6.88 0.27
C HIS B 129 -6.31 6.40 -0.93
N SER B 130 -5.74 5.46 -1.67
CA SER B 130 -6.39 4.91 -2.86
C SER B 130 -7.79 4.36 -2.58
N ALA B 131 -7.94 3.63 -1.47
CA ALA B 131 -9.21 2.99 -1.17
C ALA B 131 -10.33 4.01 -0.97
N GLU B 132 -10.04 5.07 -0.21
CA GLU B 132 -11.03 6.11 0.02
C GLU B 132 -11.33 6.88 -1.27
N ARG B 133 -10.30 7.12 -2.08
CA ARG B 133 -10.48 7.81 -3.37
C ARG B 133 -11.41 7.02 -4.28
N ILE B 134 -11.24 5.70 -4.32
CA ILE B 134 -12.13 4.83 -5.09
C ILE B 134 -13.57 4.91 -4.60
N ARG B 135 -13.77 4.88 -3.28
CA ARG B 135 -15.12 5.04 -2.71
C ARG B 135 -15.73 6.37 -3.13
N GLN B 136 -14.93 7.43 -3.12
CA GLN B 136 -15.42 8.74 -3.54
C GLN B 136 -15.79 8.76 -5.02
N LEU B 137 -14.97 8.13 -5.85
CA LEU B 137 -15.29 8.05 -7.26
C LEU B 137 -16.63 7.35 -7.48
N LYS B 138 -16.87 6.29 -6.71
CA LYS B 138 -18.15 5.59 -6.83
C LYS B 138 -19.31 6.50 -6.45
N THR B 139 -19.11 7.35 -5.45
CA THR B 139 -20.13 8.32 -5.06
C THR B 139 -20.38 9.29 -6.21
N VAL B 140 -19.32 9.79 -6.82
CA VAL B 140 -19.47 10.71 -7.94
C VAL B 140 -20.23 10.06 -9.10
N LEU B 141 -19.83 8.84 -9.48
CA LEU B 141 -20.47 8.17 -10.60
C LEU B 141 -21.94 7.87 -10.31
N GLY B 142 -22.23 7.49 -9.07
CA GLY B 142 -23.59 7.27 -8.65
C GLY B 142 -24.44 8.52 -8.82
N LYS B 143 -23.90 9.66 -8.38
CA LYS B 143 -24.63 10.91 -8.47
C LYS B 143 -24.87 11.31 -9.93
N MET B 144 -23.91 11.01 -10.80
CA MET B 144 -24.05 11.34 -12.22
C MET B 144 -25.25 10.64 -12.83
N GLN B 145 -25.61 9.47 -12.30
CA GLN B 145 -26.74 8.72 -12.84
C GLN B 145 -28.09 9.24 -12.37
N GLU B 146 -28.11 10.09 -11.35
CA GLU B 146 -29.38 10.50 -10.75
C GLU B 146 -30.17 11.54 -11.56
N ALA B 147 -29.48 12.38 -12.32
CA ALA B 147 -30.18 13.44 -13.04
C ALA B 147 -31.15 12.84 -14.06
N PRO B 148 -32.24 13.55 -14.36
CA PRO B 148 -33.15 13.17 -15.44
C PRO B 148 -32.37 13.01 -16.74
N ASP B 149 -32.80 12.09 -17.60
CA ASP B 149 -32.09 11.83 -18.84
C ASP B 149 -31.92 13.09 -19.70
N SER B 150 -32.88 14.01 -19.62
CA SER B 150 -32.83 15.24 -20.41
C SER B 150 -31.79 16.25 -19.91
N THR B 151 -31.29 16.07 -18.70
CA THR B 151 -30.26 16.94 -18.14
C THR B 151 -28.88 16.43 -18.53
N THR B 152 -28.01 17.35 -18.97
CA THR B 152 -26.64 17.02 -19.30
C THR B 152 -25.77 17.13 -18.05
N VAL B 153 -25.06 16.06 -17.72
CA VAL B 153 -24.24 16.03 -16.51
C VAL B 153 -22.78 16.10 -16.89
N ILE B 154 -22.07 17.05 -16.27
CA ILE B 154 -20.63 17.16 -16.44
C ILE B 154 -19.96 17.23 -15.07
N PHE B 155 -19.03 16.32 -14.85
CA PHE B 155 -18.11 16.40 -13.73
C PHE B 155 -16.76 16.85 -14.25
N ALA B 156 -16.17 17.83 -13.58
CA ALA B 156 -14.81 18.24 -13.92
C ALA B 156 -14.11 18.56 -12.62
N GLY B 157 -12.98 17.92 -12.36
CA GLY B 157 -12.28 18.17 -11.12
C GLY B 157 -10.97 17.46 -11.00
N ASP B 158 -10.38 17.56 -9.81
CA ASP B 158 -9.12 16.92 -9.52
C ASP B 158 -9.40 15.57 -8.86
N THR B 159 -9.25 14.50 -9.64
CA THR B 159 -9.65 13.18 -9.16
C THR B 159 -8.53 12.43 -8.46
N ASN B 160 -7.29 12.88 -8.63
CA ASN B 160 -6.13 12.18 -8.11
C ASN B 160 -6.03 10.72 -8.56
N LEU B 161 -6.71 10.41 -9.66
CA LEU B 161 -6.81 9.02 -10.06
C LEU B 161 -5.59 8.52 -10.80
N ARG B 162 -5.33 7.24 -10.59
CA ARG B 162 -4.49 6.42 -11.44
C ARG B 162 -5.44 5.57 -12.29
N ASP B 163 -5.03 5.22 -13.51
CA ASP B 163 -5.88 4.43 -14.39
C ASP B 163 -6.34 3.12 -13.73
N GLN B 164 -5.44 2.49 -12.98
CA GLN B 164 -5.75 1.21 -12.36
C GLN B 164 -6.90 1.33 -11.37
N GLU B 165 -7.02 2.50 -10.75
CA GLU B 165 -8.08 2.73 -9.76
C GLU B 165 -9.45 2.80 -10.43
N VAL B 166 -9.50 3.32 -11.65
CA VAL B 166 -10.75 3.34 -12.38
C VAL B 166 -11.16 1.91 -12.74
N ILE B 167 -10.18 1.08 -13.10
CA ILE B 167 -10.44 -0.33 -13.39
C ILE B 167 -10.98 -1.04 -12.16
N LYS B 168 -10.37 -0.78 -11.00
CA LYS B 168 -10.80 -1.40 -9.75
CA LYS B 168 -10.81 -1.38 -9.74
C LYS B 168 -12.23 -0.98 -9.44
N CYS B 169 -12.58 0.21 -9.90
CA CYS B 169 -13.88 0.77 -9.65
C CYS B 169 -14.95 0.10 -10.49
N GLY B 170 -14.51 -0.64 -11.52
CA GLY B 170 -15.42 -1.31 -12.44
C GLY B 170 -15.36 -0.68 -13.83
N GLY B 171 -14.55 0.35 -13.96
CA GLY B 171 -14.47 1.12 -15.20
C GLY B 171 -15.61 2.11 -15.25
N LEU B 172 -15.50 3.11 -16.13
CA LEU B 172 -16.60 4.04 -16.31
C LEU B 172 -17.83 3.30 -16.84
N PRO B 173 -19.02 3.66 -16.34
CA PRO B 173 -20.28 3.07 -16.83
C PRO B 173 -20.44 3.33 -18.32
N ASP B 174 -21.29 2.54 -18.98
CA ASP B 174 -21.47 2.64 -20.43
C ASP B 174 -21.96 3.99 -20.91
N ASN B 175 -22.63 4.75 -20.04
CA ASN B 175 -23.18 6.05 -20.43
C ASN B 175 -22.40 7.24 -19.85
N VAL B 176 -21.20 6.99 -19.35
CA VAL B 176 -20.35 8.06 -18.83
C VAL B 176 -19.03 8.01 -19.59
N PHE B 177 -18.62 9.17 -20.11
CA PHE B 177 -17.43 9.27 -20.94
C PHE B 177 -16.43 10.26 -20.35
N ASP B 178 -15.16 9.99 -20.61
CA ASP B 178 -14.06 10.87 -20.22
C ASP B 178 -13.74 11.71 -21.45
N ALA B 179 -13.74 13.04 -21.30
CA ALA B 179 -13.60 13.93 -22.47
C ALA B 179 -12.27 13.75 -23.19
N TRP B 180 -11.20 13.52 -22.42
CA TRP B 180 -9.89 13.28 -23.01
C TRP B 180 -9.89 11.99 -23.85
N GLU B 181 -10.50 10.94 -23.32
CA GLU B 181 -10.64 9.69 -24.07
C GLU B 181 -11.49 9.90 -25.32
N PHE B 182 -12.59 10.62 -25.16
CA PHE B 182 -13.52 10.89 -26.27
C PHE B 182 -12.81 11.55 -27.44
N LEU B 183 -11.89 12.47 -27.12
CA LEU B 183 -11.18 13.24 -28.13
C LEU B 183 -9.96 12.50 -28.68
N GLY B 184 -9.84 11.23 -28.33
CA GLY B 184 -8.81 10.38 -28.91
C GLY B 184 -7.50 10.33 -28.14
N LYS B 185 -7.56 10.67 -26.85
CA LYS B 185 -6.38 10.65 -25.98
C LYS B 185 -5.22 11.48 -26.52
N PRO B 186 -5.47 12.76 -26.81
CA PRO B 186 -4.42 13.62 -27.35
C PRO B 186 -3.23 13.76 -26.39
N LYS B 187 -2.02 13.61 -26.92
CA LYS B 187 -0.84 13.63 -26.07
C LYS B 187 -0.53 15.00 -25.48
N HIS B 188 -0.90 16.06 -26.19
CA HIS B 188 -0.52 17.40 -25.77
C HIS B 188 -1.19 17.87 -24.46
N CYS B 189 -2.30 17.26 -24.08
CA CYS B 189 -2.99 17.64 -22.85
C CYS B 189 -3.26 16.45 -21.95
N GLN B 190 -2.45 15.41 -22.09
CA GLN B 190 -2.63 14.22 -21.29
C GLN B 190 -2.34 14.45 -19.81
N TYR B 191 -1.14 14.92 -19.51
CA TYR B 191 -0.73 15.05 -18.10
C TYR B 191 -1.05 16.43 -17.57
N THR B 192 -1.72 16.47 -16.42
CA THR B 192 -2.17 17.73 -15.82
C THR B 192 -1.36 18.07 -14.55
N TRP B 193 -0.47 17.17 -14.16
CA TRP B 193 0.41 17.37 -13.01
C TRP B 193 1.72 16.73 -13.40
N ASP B 194 2.77 17.54 -13.53
CA ASP B 194 4.00 17.09 -14.17
C ASP B 194 5.19 17.79 -13.54
N THR B 195 5.94 17.07 -12.71
CA THR B 195 7.02 17.67 -11.95
C THR B 195 8.29 17.89 -12.77
N LYS B 196 8.33 17.41 -14.00
CA LYS B 196 9.45 17.74 -14.87
C LYS B 196 9.24 19.14 -15.45
N ALA B 197 8.01 19.42 -15.85
CA ALA B 197 7.67 20.69 -16.49
C ALA B 197 7.26 21.78 -15.50
N ASN B 198 6.83 21.37 -14.31
CA ASN B 198 6.35 22.30 -13.29
C ASN B 198 7.19 22.16 -12.03
N ASN B 199 7.79 23.28 -11.59
CA ASN B 199 8.73 23.37 -10.48
CA ASN B 199 8.69 23.19 -10.43
C ASN B 199 8.11 23.80 -9.15
N ASN B 200 6.80 24.02 -9.13
CA ASN B 200 6.20 24.67 -7.95
C ASN B 200 6.42 23.91 -6.64
N LEU B 201 6.37 22.59 -6.68
CA LEU B 201 6.53 21.78 -5.48
C LEU B 201 8.00 21.47 -5.16
N ARG B 202 8.89 21.89 -6.03
CA ARG B 202 10.33 21.66 -5.86
C ARG B 202 10.67 20.18 -5.67
N ILE B 203 9.90 19.31 -6.35
CA ILE B 203 10.20 17.89 -6.37
C ILE B 203 11.33 17.62 -7.36
N PRO B 204 12.49 17.12 -6.88
CA PRO B 204 13.65 16.90 -7.74
C PRO B 204 13.61 15.54 -8.43
N ALA B 205 12.48 15.26 -9.08
CA ALA B 205 12.29 14.00 -9.80
C ALA B 205 11.22 14.27 -10.84
N ALA B 206 11.06 13.34 -11.79
CA ALA B 206 10.10 13.50 -12.88
C ALA B 206 8.95 12.51 -12.74
N TYR B 207 7.79 13.04 -12.35
CA TYR B 207 6.58 12.25 -12.24
C TYR B 207 5.45 13.01 -12.93
N LYS B 208 4.62 12.28 -13.67
CA LYS B 208 3.48 12.92 -14.31
C LYS B 208 2.23 12.06 -14.28
N HIS B 209 1.10 12.73 -14.09
CA HIS B 209 -0.19 12.07 -13.89
C HIS B 209 -1.31 12.86 -14.54
N ARG B 210 -2.34 12.14 -14.96
CA ARG B 210 -3.57 12.75 -15.43
C ARG B 210 -4.56 12.77 -14.26
N PHE B 211 -4.31 13.67 -13.31
CA PHE B 211 -5.13 13.73 -12.11
C PHE B 211 -6.44 14.45 -12.37
N ASP B 212 -6.40 15.45 -13.24
CA ASP B 212 -7.56 16.30 -13.50
C ASP B 212 -8.31 15.73 -14.70
N ARG B 213 -9.59 15.43 -14.49
CA ARG B 213 -10.39 14.69 -15.47
C ARG B 213 -11.79 15.27 -15.59
N ILE B 214 -12.37 15.01 -16.76
CA ILE B 214 -13.71 15.47 -17.10
C ILE B 214 -14.53 14.25 -17.49
N PHE B 215 -15.66 14.03 -16.79
CA PHE B 215 -16.59 12.97 -17.15
C PHE B 215 -17.91 13.59 -17.57
N PHE B 216 -18.61 12.99 -18.53
CA PHE B 216 -19.92 13.50 -18.87
C PHE B 216 -20.91 12.40 -19.19
N ARG B 217 -22.17 12.74 -18.96
CA ARG B 217 -23.33 11.92 -19.31
CA ARG B 217 -23.32 11.92 -19.33
C ARG B 217 -24.31 12.80 -20.08
N ALA B 218 -24.57 12.48 -21.32
CA ALA B 218 -25.57 13.20 -22.11
C ALA B 218 -26.27 12.27 -23.08
N GLU B 219 -27.55 12.54 -23.31
CA GLU B 219 -28.28 11.85 -24.37
C GLU B 219 -27.44 11.85 -25.65
N GLU B 220 -27.49 10.71 -26.35
CA GLU B 220 -26.72 10.47 -27.58
C GLU B 220 -26.50 11.68 -28.45
N GLY B 221 -25.26 12.11 -28.51
CA GLY B 221 -24.90 13.19 -29.39
C GLY B 221 -25.45 14.51 -28.93
N HIS B 222 -25.94 14.58 -27.70
CA HIS B 222 -26.40 15.85 -27.19
C HIS B 222 -25.25 16.60 -26.61
N LEU B 223 -24.16 15.93 -26.24
CA LEU B 223 -22.97 16.65 -25.78
C LEU B 223 -21.74 16.13 -26.47
N ILE B 224 -21.09 17.00 -27.23
CA ILE B 224 -19.93 16.63 -28.03
CA ILE B 224 -19.93 16.63 -28.03
C ILE B 224 -18.71 17.48 -27.72
N PRO B 225 -17.72 16.91 -27.03
CA PRO B 225 -16.48 17.64 -26.81
C PRO B 225 -15.87 18.11 -28.14
N GLN B 226 -15.37 19.34 -28.17
CA GLN B 226 -14.76 19.89 -29.38
C GLN B 226 -13.27 20.14 -29.23
N SER B 227 -12.87 20.56 -28.03
CA SER B 227 -11.46 20.83 -27.79
C SER B 227 -11.12 20.62 -26.33
N LEU B 228 -9.85 20.32 -26.10
CA LEU B 228 -9.30 20.19 -24.78
C LEU B 228 -7.87 20.68 -24.82
N ASP B 229 -7.52 21.57 -23.90
CA ASP B 229 -6.20 22.19 -23.89
C ASP B 229 -5.75 22.45 -22.47
N LEU B 230 -4.45 22.37 -22.25
CA LEU B 230 -3.87 22.75 -20.97
C LEU B 230 -3.75 24.28 -20.88
N VAL B 231 -4.02 24.81 -19.69
CA VAL B 231 -3.78 26.22 -19.43
C VAL B 231 -2.95 26.40 -18.15
N GLY B 232 -2.45 27.61 -17.96
CA GLY B 232 -1.58 27.93 -16.84
C GLY B 232 -0.15 27.49 -17.05
N LEU B 233 0.28 27.42 -18.31
CA LEU B 233 1.59 26.87 -18.67
C LEU B 233 2.74 27.87 -18.65
N GLU B 234 2.47 29.13 -18.31
CA GLU B 234 3.50 30.16 -18.35
C GLU B 234 3.93 30.62 -16.97
N LYS B 235 5.24 30.78 -16.79
CA LYS B 235 5.78 31.25 -15.53
C LYS B 235 5.39 32.70 -15.30
N LEU B 236 5.18 33.01 -14.02
CA LEU B 236 4.85 34.36 -13.60
C LEU B 236 6.14 35.11 -13.28
N ASP B 237 6.03 36.37 -12.89
CA ASP B 237 7.19 37.20 -12.60
C ASP B 237 8.11 36.58 -11.55
N CYS B 238 7.51 35.86 -10.61
CA CYS B 238 8.28 35.23 -9.53
C CYS B 238 9.03 33.97 -9.98
N GLY B 239 8.83 33.56 -11.22
CA GLY B 239 9.54 32.40 -11.75
C GLY B 239 8.85 31.08 -11.48
N ARG B 240 7.62 31.14 -10.99
CA ARG B 240 6.84 29.95 -10.69
C ARG B 240 5.52 30.03 -11.44
N PHE B 241 4.78 28.92 -11.48
CA PHE B 241 3.53 28.85 -12.20
C PHE B 241 2.35 29.19 -11.29
N PRO B 242 1.17 29.48 -11.87
CA PRO B 242 0.00 29.75 -11.03
C PRO B 242 -0.29 28.63 -10.04
N SER B 243 0.02 27.41 -10.41
CA SER B 243 -0.28 26.24 -9.59
C SER B 243 0.68 25.11 -9.90
N ASP B 244 0.72 24.08 -9.04
CA ASP B 244 1.45 22.86 -9.36
C ASP B 244 0.71 22.02 -10.41
N HIS B 245 -0.58 22.28 -10.59
CA HIS B 245 -1.35 21.65 -11.66
C HIS B 245 -1.47 22.57 -12.85
N TRP B 246 -1.58 21.98 -14.03
CA TRP B 246 -2.11 22.69 -15.18
C TRP B 246 -3.64 22.66 -15.09
N GLY B 247 -4.28 23.69 -15.63
CA GLY B 247 -5.72 23.65 -15.79
C GLY B 247 -6.12 23.01 -17.11
N LEU B 248 -7.38 22.63 -17.22
CA LEU B 248 -7.93 22.10 -18.47
C LEU B 248 -9.03 23.02 -18.96
N LEU B 249 -8.89 23.45 -20.21
CA LEU B 249 -9.90 24.23 -20.91
C LEU B 249 -10.61 23.32 -21.91
N CYS B 250 -11.93 23.23 -21.80
CA CYS B 250 -12.71 22.33 -22.63
C CYS B 250 -13.85 23.10 -23.27
N THR B 251 -14.06 22.87 -24.56
CA THR B 251 -15.24 23.42 -25.23
C THR B 251 -16.06 22.27 -25.76
N LEU B 252 -17.37 22.43 -25.71
CA LEU B 252 -18.29 21.37 -26.10
C LEU B 252 -19.49 21.99 -26.78
N ASN B 253 -20.11 21.22 -27.66
CA ASN B 253 -21.37 21.60 -28.26
C ASN B 253 -22.50 20.74 -27.74
N VAL B 254 -23.69 21.34 -27.58
N VAL B 254 -23.68 21.34 -27.59
CA VAL B 254 -24.88 20.56 -27.24
CA VAL B 254 -24.89 20.58 -27.26
C VAL B 254 -25.79 20.38 -28.47
C VAL B 254 -25.77 20.39 -28.50
N VAL B 255 -25.82 19.16 -29.00
CA VAL B 255 -26.46 18.87 -30.30
C VAL B 255 -27.80 18.10 -30.19
N LEU B 256 -28.88 18.81 -30.51
CA LEU B 256 -30.23 18.30 -30.28
C LEU B 256 -30.79 17.58 -31.49
P EDA C 1 -3.51 17.15 -5.42
OP1 EDA C 1 -4.37 16.84 -4.23
OP2 EDA C 1 -4.12 16.70 -6.72
OP3 EDA C 1 -3.21 18.62 -5.53
O5' EDA C 1 -2.14 16.33 -5.19
N9 EDA C 1 1.54 17.30 -2.89
C4 EDA C 1 2.77 17.82 -2.55
N3 EDA C 1 3.98 17.44 -3.01
C2 EDA C 1 4.95 18.12 -2.50
N1 EDA C 1 4.80 19.11 -1.57
C6 EDA C 1 3.62 19.50 -1.10
C10 EDA C 1 5.76 19.88 -0.95
C11 EDA C 1 5.10 20.71 -0.13
N6 EDA C 1 3.74 20.48 -0.23
C5 EDA C 1 2.48 18.79 -1.64
N7 EDA C 1 1.10 18.90 -1.40
C8 EDA C 1 0.57 17.96 -2.22
C2' EDA C 1 0.27 15.17 -3.49
C5' EDA C 1 -1.27 16.23 -6.28
C4' EDA C 1 0.10 15.76 -5.76
O4' EDA C 1 0.72 16.83 -5.04
C1' EDA C 1 1.27 16.24 -3.88
C3' EDA C 1 -0.02 14.61 -4.84
O3' EDA C 1 1.07 13.73 -5.17
P EDA D 1 10.80 -7.87 11.56
OP1 EDA D 1 11.73 -8.08 12.73
OP2 EDA D 1 11.59 -7.71 10.27
OP3 EDA D 1 9.80 -9.05 11.43
O5' EDA D 1 9.97 -6.52 11.76
N9 EDA D 1 10.98 -2.61 13.45
C4 EDA D 1 11.17 -1.53 14.32
N3 EDA D 1 10.24 -0.82 15.00
C2 EDA D 1 10.77 0.11 15.75
N1 EDA D 1 12.11 0.39 15.83
C6 EDA D 1 13.03 -0.31 15.17
C10 EDA D 1 12.77 1.35 16.57
C11 EDA D 1 14.08 1.18 16.30
N6 EDA D 1 14.25 0.14 15.43
C5 EDA D 1 12.53 -1.36 14.34
N7 EDA D 1 13.19 -2.29 13.53
C8 EDA D 1 12.19 -3.02 13.03
C2' EDA D 1 9.38 -3.38 11.66
C5' EDA D 1 8.96 -6.54 12.74
C4' EDA D 1 8.49 -5.11 13.00
O4' EDA D 1 9.55 -4.43 13.71
C1' EDA D 1 9.64 -3.15 13.15
C3' EDA D 1 8.25 -4.35 11.75
O3' EDA D 1 7.04 -3.59 11.98
MG MG E . 13.37 -7.09 13.50
MG MG F . -2.49 20.06 -4.18
N1 EPE G . -1.71 33.86 -20.57
C2 EPE G . -2.23 34.64 -19.46
C3 EPE G . -1.97 36.12 -19.71
N4 EPE G . -0.53 36.41 -19.93
C5 EPE G . -0.01 35.52 -20.99
C6 EPE G . -0.31 34.06 -20.66
C7 EPE G . -0.28 37.80 -20.32
C8 EPE G . -1.15 38.82 -19.53
O8 EPE G . -1.02 38.62 -18.14
C9 EPE G . -2.09 32.45 -20.51
C10 EPE G . -1.02 31.34 -20.59
S EPE G . -1.86 29.80 -20.88
O1S EPE G . -2.93 29.67 -19.90
O2S EPE G . -0.87 28.70 -20.72
O3S EPE G . -2.39 29.84 -22.25
H21 EPE G . -1.79 34.37 -18.63
H22 EPE G . -3.19 34.50 -19.37
H31 EPE G . -2.28 36.63 -18.92
H32 EPE G . -2.48 36.41 -20.49
H51 EPE G . 0.96 35.64 -21.05
H52 EPE G . -0.43 35.75 -21.84
H61 EPE G . 0.05 33.48 -21.36
H62 EPE G . 0.11 33.84 -19.81
H71 EPE G . -0.48 37.88 -21.28
H72 EPE G . 0.66 38.00 -20.16
H81 EPE G . -2.09 38.73 -19.80
H82 EPE G . -0.84 39.73 -19.75
HO8 EPE G . -1.67 39.06 -17.71
H91 EPE G . -2.71 32.30 -21.26
H92 EPE G . -2.60 32.32 -19.68
H101 EPE G . -0.53 31.30 -19.73
H102 EPE G . -0.39 31.52 -21.31
C1 PEG H . -28.34 34.10 -6.85
O1 PEG H . -29.49 34.92 -6.86
C2 PEG H . -27.83 33.97 -5.39
O2 PEG H . -26.82 32.95 -5.32
C3 PEG H . -25.75 33.26 -4.46
C4 PEG H . -25.19 31.97 -3.90
O4 PEG H . -23.81 32.11 -3.68
MG MG I . -12.15 20.66 -32.14
#